data_3QNJ
#
_entry.id   3QNJ
#
_cell.length_a   77.664
_cell.length_b   161.137
_cell.length_c   44.629
_cell.angle_alpha   90.00
_cell.angle_beta   90.00
_cell.angle_gamma   90.00
#
_symmetry.space_group_name_H-M   'P 21 21 2'
#
loop_
_entity.id
_entity.type
_entity.pdbx_description
1 polymer 'Chaperone protein DnaK'
2 polymer 'antimicrobial peptide oncocin'
3 non-polymer 'SULFATE ION'
4 water water
#
loop_
_entity_poly.entity_id
_entity_poly.type
_entity_poly.pdbx_seq_one_letter_code
_entity_poly.pdbx_strand_id
1 'polypeptide(L)'
;VLLLDVTPLSLGIETMGGVMTTLIAKNTTIPTKHSQVFSTAEDNQSAVTIHVLQGERKRAADNKSLGQFNLDGINPAPRG
MPQIEVTFDIDADGILHVSAKDKNSGKEQKITIKASSGLNEDEIQKMVRDAEANAEADRKFEELVQTRNQGDHLLHSTRK
QVEEAGDKLPADDKTAIESALTALETALKGEDKAAIEAKMQELAQVSQKLMEIAQQQHA
;
A,B
2 'polypeptide(L)' VDKPPYLPRPRPPR(ORN)IYN(ORN) C,D
#
loop_
_chem_comp.id
_chem_comp.type
_chem_comp.name
_chem_comp.formula
SO4 non-polymer 'SULFATE ION' 'O4 S -2'
#
# COMPACT_ATOMS: atom_id res chain seq x y z
N VAL A 1 5.22 35.19 -15.45
CA VAL A 1 5.90 34.15 -16.32
C VAL A 1 4.85 33.13 -16.77
N LEU A 2 4.90 32.67 -18.02
CA LEU A 2 4.04 31.60 -18.50
C LEU A 2 4.66 30.22 -18.34
N LEU A 3 5.93 30.14 -17.93
CA LEU A 3 6.50 28.82 -17.72
C LEU A 3 7.54 28.86 -16.65
N LEU A 4 7.82 27.72 -16.05
CA LEU A 4 8.59 27.72 -14.84
C LEU A 4 9.02 26.29 -14.58
N ASP A 5 10.19 26.11 -13.98
CA ASP A 5 10.62 24.77 -13.47
C ASP A 5 10.11 24.48 -12.06
N VAL A 6 9.36 23.38 -11.92
CA VAL A 6 8.88 22.92 -10.63
C VAL A 6 9.52 21.56 -10.41
N THR A 7 9.52 21.05 -9.17
CA THR A 7 9.75 19.62 -8.97
C THR A 7 8.34 18.95 -8.99
N PRO A 8 8.09 17.94 -9.86
CA PRO A 8 6.72 17.50 -10.21
C PRO A 8 6.04 16.65 -9.19
N LEU A 9 6.83 16.07 -8.26
CA LEU A 9 6.29 15.22 -7.21
C LEU A 9 6.86 15.67 -5.86
N SER A 10 6.11 15.40 -4.79
CA SER A 10 6.57 15.56 -3.41
C SER A 10 7.82 14.72 -3.18
N LEU A 11 8.75 15.25 -2.38
CA LEU A 11 9.99 14.61 -1.96
C LEU A 11 10.10 14.53 -0.43
N GLY A 12 10.44 13.35 0.06
CA GLY A 12 10.52 13.26 1.49
C GLY A 12 11.26 12.03 1.90
N ILE A 13 11.03 11.62 3.14
CA ILE A 13 11.77 10.55 3.67
C ILE A 13 10.80 9.60 4.35
N GLU A 14 11.31 8.45 4.68
CA GLU A 14 10.55 7.41 5.33
C GLU A 14 10.70 7.63 6.81
N THR A 15 9.58 7.59 7.51
CA THR A 15 9.52 7.82 8.95
C THR A 15 8.93 6.57 9.56
N MET A 16 8.96 6.48 10.89
CA MET A 16 8.65 5.31 11.62
C MET A 16 7.32 4.71 11.20
N GLY A 17 7.31 3.39 10.98
CA GLY A 17 6.10 2.63 10.65
C GLY A 17 5.83 2.49 9.14
N GLY A 18 6.72 3.04 8.29
CA GLY A 18 6.66 2.86 6.79
C GLY A 18 5.88 3.96 6.05
N VAL A 19 5.90 5.14 6.64
CA VAL A 19 5.20 6.28 6.14
C VAL A 19 6.17 7.20 5.38
N MET A 20 5.65 7.93 4.40
CA MET A 20 6.40 9.00 3.75
C MET A 20 6.01 10.31 4.38
N THR A 21 7.02 11.02 4.87
CA THR A 21 6.90 12.38 5.37
C THR A 21 7.59 13.28 4.35
N THR A 22 6.81 14.23 3.84
CA THR A 22 7.19 15.10 2.80
C THR A 22 8.00 16.27 3.26
N LEU A 23 9.13 16.51 2.59
CA LEU A 23 9.87 17.75 2.89
C LEU A 23 9.62 18.86 1.90
N ILE A 24 9.45 18.54 0.61
CA ILE A 24 9.20 19.52 -0.46
C ILE A 24 7.92 19.04 -1.21
N ALA A 25 6.90 19.87 -1.20
CA ALA A 25 5.60 19.55 -1.83
C ALA A 25 5.71 19.49 -3.35
N LYS A 26 4.90 18.66 -4.02
CA LYS A 26 4.86 18.61 -5.50
C LYS A 26 4.59 19.98 -6.11
N ASN A 27 5.12 20.23 -7.30
CA ASN A 27 4.94 21.50 -7.99
C ASN A 27 5.55 22.71 -7.36
N THR A 28 6.32 22.50 -6.29
CA THR A 28 7.24 23.55 -5.80
C THR A 28 8.26 24.04 -6.83
N THR A 29 8.41 25.36 -6.98
CA THR A 29 9.34 25.90 -7.95
C THR A 29 10.74 25.66 -7.44
N ILE A 30 11.64 25.39 -8.37
CA ILE A 30 13.02 25.19 -8.03
C ILE A 30 13.82 26.37 -8.55
N PRO A 31 14.94 26.72 -7.90
CA PRO A 31 15.51 26.07 -6.76
C PRO A 31 14.71 26.28 -5.48
N THR A 32 14.89 25.37 -4.55
CA THR A 32 14.18 25.41 -3.30
C THR A 32 14.93 24.60 -2.24
N LYS A 33 14.61 24.90 -0.98
CA LYS A 33 15.30 24.31 0.17
C LYS A 33 14.34 24.22 1.33
N HIS A 34 14.32 23.08 2.03
CA HIS A 34 13.56 22.98 3.24
C HIS A 34 14.22 21.97 4.16
N SER A 35 14.15 22.25 5.46
CA SER A 35 14.71 21.48 6.54
C SER A 35 13.58 21.11 7.51
N GLN A 36 13.75 20.00 8.20
CA GLN A 36 12.81 19.56 9.22
C GLN A 36 13.61 18.68 10.15
N VAL A 37 13.43 18.90 11.45
CA VAL A 37 14.05 18.08 12.52
C VAL A 37 13.27 16.78 12.80
N PHE A 38 14.00 15.69 12.92
CA PHE A 38 13.38 14.44 13.25
C PHE A 38 14.08 13.91 14.51
N SER A 39 13.51 12.90 15.13
CA SER A 39 14.16 12.32 16.28
C SER A 39 14.17 10.84 16.19
N THR A 40 14.44 10.15 17.29
CA THR A 40 14.50 8.71 17.25
C THR A 40 13.27 8.05 17.85
N ALA A 41 12.86 6.93 17.27
CA ALA A 41 11.67 6.20 17.70
C ALA A 41 11.78 5.57 19.08
N GLU A 42 12.95 5.04 19.39
CA GLU A 42 13.17 4.29 20.63
C GLU A 42 14.45 4.70 21.38
N ASP A 43 14.64 4.15 22.59
CA ASP A 43 15.70 4.56 23.50
C ASP A 43 16.97 3.98 22.93
N ASN A 44 18.06 4.75 22.97
CA ASN A 44 19.37 4.15 22.75
C ASN A 44 19.74 3.88 21.29
N GLN A 45 19.05 4.57 20.39
CA GLN A 45 19.25 4.42 18.97
C GLN A 45 20.42 5.26 18.52
N SER A 46 21.38 4.57 17.93
CA SER A 46 22.68 5.17 17.70
C SER A 46 22.85 5.47 16.21
N ALA A 47 21.92 4.97 15.41
CA ALA A 47 22.06 4.95 13.93
C ALA A 47 20.70 5.17 13.36
N VAL A 48 20.56 6.14 12.47
CA VAL A 48 19.33 6.30 11.70
C VAL A 48 19.56 6.16 10.19
N THR A 49 18.53 5.69 9.47
CA THR A 49 18.53 5.57 8.00
C THR A 49 17.58 6.57 7.37
N ILE A 50 18.15 7.33 6.44
CA ILE A 50 17.46 8.34 5.68
C ILE A 50 17.19 7.80 4.29
N HIS A 51 15.91 7.61 3.97
N HIS A 51 15.92 7.50 4.00
CA HIS A 51 15.50 6.93 2.73
CA HIS A 51 15.47 6.87 2.72
C HIS A 51 14.69 7.92 1.93
C HIS A 51 14.79 8.01 2.01
N VAL A 52 15.25 8.40 0.82
CA VAL A 52 14.68 9.56 0.09
C VAL A 52 13.68 9.00 -0.88
N LEU A 53 12.51 9.65 -1.01
CA LEU A 53 11.38 9.12 -1.79
C LEU A 53 10.75 10.20 -2.64
N GLN A 54 10.27 9.83 -3.82
CA GLN A 54 9.50 10.74 -4.65
C GLN A 54 8.12 10.13 -4.84
N GLY A 55 7.08 10.91 -4.59
CA GLY A 55 5.74 10.40 -4.84
C GLY A 55 4.73 10.96 -3.86
N GLU A 56 3.45 10.62 -4.05
CA GLU A 56 2.33 11.13 -3.29
C GLU A 56 1.69 10.06 -2.35
N ARG A 57 2.17 8.83 -2.30
CA ARG A 57 1.44 7.85 -1.54
C ARG A 57 1.83 8.00 -0.08
N LYS A 58 0.98 7.55 0.83
CA LYS A 58 1.34 7.64 2.23
C LYS A 58 2.24 6.52 2.62
N ARG A 59 2.11 5.35 1.98
CA ARG A 59 3.03 4.24 2.22
C ARG A 59 4.31 4.50 1.47
N ALA A 60 5.39 4.69 2.22
CA ALA A 60 6.74 4.80 1.71
C ALA A 60 7.01 3.83 0.56
N ALA A 61 6.66 2.56 0.78
CA ALA A 61 6.87 1.51 -0.18
C ALA A 61 6.29 1.80 -1.58
N ASP A 62 5.19 2.57 -1.65
CA ASP A 62 4.45 2.88 -2.92
C ASP A 62 5.12 4.02 -3.71
N ASN A 63 6.06 4.72 -3.12
CA ASN A 63 6.75 5.84 -3.77
C ASN A 63 8.05 5.39 -4.44
N LYS A 64 8.63 6.27 -5.23
CA LYS A 64 9.85 5.94 -5.96
C LYS A 64 11.06 6.26 -5.09
N SER A 65 11.88 5.25 -4.88
CA SER A 65 13.02 5.44 -4.00
C SER A 65 14.10 6.20 -4.74
N LEU A 66 14.72 7.17 -4.12
CA LEU A 66 15.69 7.95 -4.92
C LEU A 66 17.09 7.63 -4.41
N GLY A 67 17.18 7.02 -3.23
CA GLY A 67 18.48 6.65 -2.68
C GLY A 67 18.34 6.68 -1.16
N GLN A 68 19.45 6.43 -0.48
CA GLN A 68 19.46 6.39 0.94
C GLN A 68 20.90 6.35 1.47
N PHE A 69 21.02 6.57 2.79
CA PHE A 69 22.30 6.57 3.49
C PHE A 69 22.05 6.53 5.00
N ASN A 70 23.08 6.19 5.76
CA ASN A 70 22.99 6.07 7.21
C ASN A 70 23.67 7.20 7.94
N LEU A 71 23.16 7.54 9.12
CA LEU A 71 23.84 8.49 10.00
C LEU A 71 24.03 7.80 11.36
N ASP A 72 25.30 7.47 11.70
CA ASP A 72 25.70 6.68 12.88
C ASP A 72 26.47 7.62 13.81
N GLY A 73 26.82 7.15 15.01
CA GLY A 73 27.59 7.97 15.95
C GLY A 73 26.76 8.84 16.89
N ILE A 74 25.44 8.72 16.81
CA ILE A 74 24.55 9.44 17.65
C ILE A 74 24.66 8.86 19.10
N ASN A 75 24.78 9.72 20.11
CA ASN A 75 24.89 9.30 21.47
C ASN A 75 23.58 8.58 21.87
N PRO A 76 23.66 7.31 22.33
CA PRO A 76 22.47 6.59 22.70
C PRO A 76 21.73 7.34 23.79
N ALA A 77 20.52 7.79 23.49
CA ALA A 77 19.74 8.63 24.37
C ALA A 77 18.23 8.23 24.35
N PRO A 78 17.42 8.82 25.24
CA PRO A 78 15.98 8.48 25.28
C PRO A 78 15.27 8.85 23.99
N ARG A 79 14.19 8.14 23.65
CA ARG A 79 13.53 8.51 22.39
C ARG A 79 13.13 10.00 22.45
N GLY A 80 13.13 10.67 21.31
CA GLY A 80 12.65 12.07 21.23
C GLY A 80 13.80 13.02 21.52
N MET A 81 14.86 12.45 22.06
CA MET A 81 15.95 13.25 22.46
C MET A 81 16.83 13.75 21.32
N PRO A 82 17.30 12.87 20.43
CA PRO A 82 18.12 13.40 19.32
C PRO A 82 17.38 14.37 18.38
N GLN A 83 18.10 15.41 17.96
CA GLN A 83 17.61 16.39 17.00
C GLN A 83 18.38 16.21 15.65
N ILE A 84 17.89 15.37 14.75
CA ILE A 84 18.45 15.11 13.44
C ILE A 84 17.82 16.06 12.42
N GLU A 85 18.54 17.13 12.09
CA GLU A 85 18.12 18.09 11.08
C GLU A 85 18.25 17.47 9.69
N VAL A 86 17.12 17.34 8.96
CA VAL A 86 17.10 16.86 7.61
C VAL A 86 16.84 17.97 6.62
N THR A 87 17.73 18.09 5.63
CA THR A 87 17.62 19.20 4.68
C THR A 87 17.55 18.71 3.23
N PHE A 88 16.56 19.20 2.47
CA PHE A 88 16.44 18.84 1.07
C PHE A 88 16.66 20.12 0.28
N ASP A 89 17.53 20.08 -0.70
CA ASP A 89 17.88 21.27 -1.46
C ASP A 89 18.01 20.91 -2.91
N ILE A 90 17.21 21.57 -3.72
CA ILE A 90 17.20 21.30 -5.12
C ILE A 90 17.73 22.54 -5.79
N ASP A 91 18.78 22.36 -6.57
CA ASP A 91 19.43 23.54 -7.15
C ASP A 91 18.78 23.89 -8.49
N ALA A 92 19.21 24.92 -9.19
CA ALA A 92 18.49 25.30 -10.43
C ALA A 92 18.58 24.32 -11.60
N ASP A 93 19.62 23.50 -11.61
CA ASP A 93 19.74 22.37 -12.56
C ASP A 93 19.02 21.10 -12.13
N GLY A 94 18.28 21.16 -11.02
CA GLY A 94 17.39 20.06 -10.69
C GLY A 94 18.08 18.99 -9.85
N ILE A 95 19.35 19.19 -9.48
CA ILE A 95 20.08 18.26 -8.64
C ILE A 95 19.59 18.34 -7.17
N LEU A 96 19.27 17.17 -6.59
CA LEU A 96 18.84 17.14 -5.24
C LEU A 96 19.98 16.83 -4.24
N HIS A 97 20.18 17.69 -3.25
CA HIS A 97 21.11 17.38 -2.16
C HIS A 97 20.32 17.17 -0.91
N VAL A 98 20.58 16.04 -0.27
CA VAL A 98 19.93 15.66 0.98
C VAL A 98 21.00 15.43 1.98
N SER A 99 20.81 16.03 3.16
CA SER A 99 21.75 15.86 4.27
C SER A 99 20.95 15.66 5.53
N ALA A 100 21.56 14.97 6.49
CA ALA A 100 21.04 14.76 7.84
C ALA A 100 22.18 15.09 8.81
N LYS A 101 21.90 15.91 9.80
CA LYS A 101 22.87 16.26 10.79
C LYS A 101 22.29 16.11 12.22
N ASP A 102 23.01 15.34 13.05
CA ASP A 102 22.66 15.17 14.46
C ASP A 102 23.20 16.35 15.26
N LYS A 103 22.33 17.15 15.88
CA LYS A 103 22.75 18.48 16.38
C LYS A 103 23.65 18.31 17.57
N ASN A 104 23.38 17.30 18.39
CA ASN A 104 24.20 17.07 19.58
C ASN A 104 25.64 16.67 19.22
N SER A 105 25.81 15.67 18.34
CA SER A 105 27.16 15.15 18.05
C SER A 105 27.87 15.89 16.92
N GLY A 106 27.09 16.57 16.08
CA GLY A 106 27.72 17.25 14.94
C GLY A 106 27.92 16.30 13.77
N LYS A 107 27.57 15.05 13.96
CA LYS A 107 27.74 14.05 12.89
C LYS A 107 26.78 14.36 11.74
N GLU A 108 27.31 14.36 10.53
CA GLU A 108 26.52 14.62 9.36
C GLU A 108 26.85 13.59 8.24
N GLN A 109 25.83 13.22 7.45
CA GLN A 109 26.03 12.48 6.22
C GLN A 109 25.15 13.10 5.12
N LYS A 110 25.53 12.90 3.87
CA LYS A 110 24.81 13.51 2.77
C LYS A 110 24.84 12.65 1.54
N ILE A 111 23.93 12.94 0.60
CA ILE A 111 23.85 12.31 -0.70
C ILE A 111 23.41 13.32 -1.77
N THR A 112 23.91 13.14 -3.00
CA THR A 112 23.57 13.99 -4.14
C THR A 112 22.83 13.12 -5.16
N ILE A 113 21.71 13.61 -5.70
CA ILE A 113 20.81 12.79 -6.49
C ILE A 113 20.58 13.51 -7.81
N LYS A 114 21.00 12.83 -8.91
CA LYS A 114 21.01 13.41 -10.24
C LYS A 114 19.54 13.82 -10.63
N ALA A 115 19.42 14.86 -11.45
CA ALA A 115 18.16 15.44 -11.79
C ALA A 115 17.27 14.55 -12.62
N SER A 116 17.92 13.65 -13.37
CA SER A 116 17.29 12.70 -14.22
C SER A 116 16.68 11.50 -13.49
N SER A 117 16.95 11.35 -12.19
CA SER A 117 16.48 10.20 -11.40
C SER A 117 14.96 10.37 -11.24
N GLY A 118 14.32 9.35 -10.71
CA GLY A 118 12.92 9.48 -10.34
C GLY A 118 12.02 9.11 -11.49
N LEU A 119 10.74 9.32 -11.29
CA LEU A 119 9.68 8.90 -12.21
C LEU A 119 9.62 9.82 -13.47
N ASN A 120 9.20 9.29 -14.62
CA ASN A 120 9.10 10.05 -15.90
C ASN A 120 7.68 10.67 -16.11
N GLU A 121 7.46 11.50 -17.13
CA GLU A 121 6.11 12.05 -17.37
C GLU A 121 4.93 11.07 -17.21
N ASP A 122 4.88 9.97 -17.96
CA ASP A 122 3.77 9.05 -17.79
CA ASP A 122 3.79 8.95 -17.80
C ASP A 122 3.72 8.44 -16.35
N GLU A 123 4.88 8.14 -15.81
CA GLU A 123 4.95 7.70 -14.46
C GLU A 123 4.39 8.71 -13.47
N ILE A 124 4.71 9.99 -13.68
CA ILE A 124 4.24 11.06 -12.83
C ILE A 124 2.72 11.18 -12.93
N GLN A 125 2.19 11.05 -14.15
CA GLN A 125 0.76 11.11 -14.36
C GLN A 125 0.03 9.97 -13.61
N LYS A 126 0.61 8.75 -13.62
CA LYS A 126 0.02 7.63 -12.88
C LYS A 126 0.03 7.88 -11.39
N MET A 127 1.13 8.45 -10.91
CA MET A 127 1.32 8.60 -9.50
C MET A 127 0.23 9.48 -8.95
N VAL A 128 0.00 10.63 -9.56
CA VAL A 128 -1.06 11.53 -9.10
C VAL A 128 -2.47 10.92 -9.13
N ARG A 129 -2.87 10.31 -10.25
CA ARG A 129 -4.13 9.55 -10.33
C ARG A 129 -4.22 8.48 -9.28
N ASP A 130 -3.18 7.67 -9.10
CA ASP A 130 -3.26 6.58 -8.15
C ASP A 130 -3.33 7.18 -6.75
N ALA A 131 -2.71 8.33 -6.50
CA ALA A 131 -2.82 8.91 -5.16
C ALA A 131 -4.22 9.47 -4.86
N GLU A 132 -4.83 10.12 -5.83
CA GLU A 132 -6.16 10.66 -5.62
CA GLU A 132 -6.17 10.64 -5.59
C GLU A 132 -7.18 9.49 -5.55
N ALA A 133 -6.94 8.42 -6.30
CA ALA A 133 -7.90 7.29 -6.23
C ALA A 133 -7.85 6.57 -4.86
N ASN A 134 -6.67 6.61 -4.25
CA ASN A 134 -6.44 5.96 -3.01
C ASN A 134 -6.36 6.87 -1.79
N ALA A 135 -6.94 8.05 -1.88
CA ALA A 135 -6.78 9.12 -0.88
C ALA A 135 -7.34 8.65 0.45
N GLU A 136 -8.55 8.09 0.38
N GLU A 136 -8.56 8.11 0.47
CA GLU A 136 -9.21 7.53 1.54
CA GLU A 136 -9.05 7.64 1.74
C GLU A 136 -8.38 6.44 2.26
C GLU A 136 -8.17 6.51 2.32
N ALA A 137 -7.77 5.54 1.50
CA ALA A 137 -7.09 4.34 2.08
C ALA A 137 -5.74 4.72 2.65
N ASP A 138 -5.11 5.73 2.03
CA ASP A 138 -3.75 6.21 2.38
C ASP A 138 -3.87 6.91 3.71
N ARG A 139 -4.93 7.75 3.82
CA ARG A 139 -5.30 8.41 5.09
CA ARG A 139 -5.34 8.42 5.05
C ARG A 139 -5.61 7.42 6.21
N LYS A 140 -6.43 6.40 5.94
CA LYS A 140 -6.62 5.36 6.95
C LYS A 140 -5.29 4.62 7.20
N PHE A 141 -4.41 4.51 6.22
CA PHE A 141 -3.12 3.93 6.52
C PHE A 141 -2.33 4.79 7.42
N GLU A 142 -2.35 6.08 7.15
CA GLU A 142 -1.57 7.00 7.97
C GLU A 142 -2.08 7.02 9.41
N GLU A 143 -3.38 6.94 9.63
CA GLU A 143 -3.86 6.88 11.00
C GLU A 143 -3.41 5.59 11.65
N LEU A 144 -3.50 4.50 10.90
CA LEU A 144 -3.14 3.21 11.47
C LEU A 144 -1.77 3.32 12.08
N VAL A 145 -0.86 3.97 11.35
CA VAL A 145 0.53 3.99 11.72
C VAL A 145 0.73 4.90 12.91
N GLN A 146 0.01 6.02 12.96
CA GLN A 146 0.14 6.92 14.08
C GLN A 146 -0.32 6.16 15.28
N THR A 147 -1.46 5.48 15.15
CA THR A 147 -1.96 4.66 16.28
C THR A 147 -0.97 3.55 16.65
N ARG A 148 -0.31 2.92 15.69
CA ARG A 148 0.60 1.84 15.99
C ARG A 148 1.85 2.34 16.71
N ASN A 149 2.36 3.46 16.25
CA ASN A 149 3.55 4.05 16.84
C ASN A 149 3.27 4.47 18.31
N GLN A 150 2.10 5.02 18.61
CA GLN A 150 1.67 5.25 20.01
C GLN A 150 1.57 3.95 20.81
N GLY A 151 0.86 2.97 20.27
CA GLY A 151 0.78 1.66 20.90
C GLY A 151 2.15 1.09 21.18
N ASP A 152 3.07 1.32 20.26
CA ASP A 152 4.39 0.73 20.34
C ASP A 152 5.17 1.30 21.51
N HIS A 153 5.15 2.64 21.58
N HIS A 153 5.24 2.61 21.66
CA HIS A 153 5.81 3.44 22.60
CA HIS A 153 6.01 3.07 22.81
C HIS A 153 5.21 3.11 23.97
C HIS A 153 5.12 3.47 24.00
N LEU A 154 3.90 2.91 24.00
CA LEU A 154 3.21 2.52 25.20
C LEU A 154 3.69 1.14 25.67
N LEU A 155 3.88 0.20 24.76
CA LEU A 155 4.43 -1.09 25.12
C LEU A 155 5.83 -0.93 25.76
N HIS A 156 6.65 -0.02 25.24
CA HIS A 156 8.02 0.19 25.73
C HIS A 156 8.19 0.92 27.07
N SER A 157 7.23 1.79 27.42
CA SER A 157 7.27 2.50 28.71
C SER A 157 6.57 1.67 29.74
N THR A 158 5.48 1.00 29.35
CA THR A 158 4.86 0.05 30.27
C THR A 158 5.84 -1.07 30.69
N ARG A 159 6.71 -1.52 29.79
CA ARG A 159 7.68 -2.59 30.16
C ARG A 159 8.80 -2.07 31.05
N LYS A 160 9.27 -0.86 30.78
CA LYS A 160 10.25 -0.14 31.61
C LYS A 160 9.67 0.23 32.99
N GLN A 161 8.42 0.69 33.04
CA GLN A 161 7.76 1.04 34.30
C GLN A 161 7.37 -0.22 35.07
N VAL A 162 8.04 -1.33 34.73
CA VAL A 162 8.03 -2.55 35.53
C VAL A 162 9.48 -3.03 35.77
N LEU A 169 8.92 -3.32 44.48
CA LEU A 169 7.98 -4.36 44.09
C LEU A 169 6.61 -3.80 43.80
N PRO A 170 6.20 -3.90 42.52
CA PRO A 170 4.82 -3.69 42.06
C PRO A 170 3.88 -4.79 42.60
N ALA A 171 2.59 -4.46 42.74
CA ALA A 171 1.61 -5.39 43.37
C ALA A 171 1.58 -6.76 42.68
N ASP A 172 1.23 -7.79 43.44
CA ASP A 172 1.23 -9.16 42.91
C ASP A 172 0.13 -9.40 41.85
N ASP A 173 -0.49 -8.30 41.43
CA ASP A 173 -1.61 -8.26 40.48
C ASP A 173 -1.14 -7.92 39.07
N LYS A 174 0.14 -7.52 38.95
CA LYS A 174 0.74 -7.11 37.67
C LYS A 174 0.71 -8.21 36.59
N THR A 175 0.20 -9.37 36.98
CA THR A 175 -0.05 -10.52 36.11
C THR A 175 -0.94 -10.14 34.94
N ALA A 176 -2.01 -9.41 35.26
CA ALA A 176 -3.04 -9.03 34.28
C ALA A 176 -2.54 -7.95 33.29
N ILE A 177 -1.53 -7.19 33.73
CA ILE A 177 -0.79 -6.28 32.89
C ILE A 177 0.00 -7.09 31.87
N GLU A 178 0.89 -7.99 32.33
CA GLU A 178 1.68 -8.81 31.41
C GLU A 178 0.77 -9.54 30.39
N SER A 179 -0.43 -9.88 30.85
CA SER A 179 -1.47 -10.43 29.99
C SER A 179 -2.03 -9.38 29.03
N ALA A 180 -2.28 -8.16 29.50
CA ALA A 180 -2.79 -7.08 28.63
C ALA A 180 -1.74 -6.52 27.65
N LEU A 181 -0.47 -6.69 28.01
CA LEU A 181 0.63 -6.43 27.08
C LEU A 181 0.60 -7.35 25.86
N THR A 182 0.37 -8.65 26.07
CA THR A 182 0.32 -9.63 24.99
C THR A 182 -0.84 -9.36 24.04
N ALA A 183 -1.99 -8.98 24.60
CA ALA A 183 -3.13 -8.52 23.80
C ALA A 183 -2.66 -7.39 22.91
N LEU A 184 -1.94 -6.42 23.48
CA LEU A 184 -1.70 -5.20 22.72
C LEU A 184 -0.68 -5.49 21.61
N GLU A 185 0.43 -6.16 22.00
CA GLU A 185 1.50 -6.62 21.07
C GLU A 185 0.93 -7.37 19.84
N THR A 186 -0.13 -8.14 20.07
CA THR A 186 -0.84 -8.82 19.01
C THR A 186 -1.72 -7.87 18.19
N ALA A 187 -2.45 -6.96 18.82
CA ALA A 187 -3.29 -6.04 18.04
C ALA A 187 -2.46 -5.17 17.12
N LEU A 188 -1.21 -4.89 17.51
CA LEU A 188 -0.41 -3.90 16.79
C LEU A 188 0.06 -4.49 15.50
N LYS A 189 -0.01 -5.82 15.41
CA LYS A 189 0.42 -6.51 14.18
C LYS A 189 -0.69 -6.50 13.12
N GLY A 190 -1.94 -6.32 13.54
CA GLY A 190 -3.10 -6.29 12.64
C GLY A 190 -3.24 -4.87 12.15
N GLU A 191 -4.30 -4.62 11.42
CA GLU A 191 -4.46 -3.37 10.70
C GLU A 191 -5.78 -2.66 11.06
N ASP A 192 -6.20 -2.81 12.29
CA ASP A 192 -7.53 -2.30 12.68
C ASP A 192 -7.19 -1.32 13.76
N LYS A 193 -7.33 -0.04 13.44
CA LYS A 193 -6.90 1.00 14.28
C LYS A 193 -7.61 0.89 15.63
N ALA A 194 -8.94 0.67 15.56
CA ALA A 194 -9.75 0.65 16.76
C ALA A 194 -9.37 -0.52 17.68
N ALA A 195 -9.07 -1.68 17.11
CA ALA A 195 -8.71 -2.80 17.98
C ALA A 195 -7.45 -2.42 18.79
N ILE A 196 -6.55 -1.65 18.18
CA ILE A 196 -5.30 -1.32 18.85
C ILE A 196 -5.53 -0.39 20.00
N GLU A 197 -6.21 0.73 19.74
CA GLU A 197 -6.69 1.59 20.84
C GLU A 197 -7.46 0.92 21.97
N ALA A 198 -8.26 -0.11 21.64
CA ALA A 198 -9.06 -0.85 22.64
C ALA A 198 -8.13 -1.65 23.54
N LYS A 199 -7.15 -2.30 22.92
CA LYS A 199 -6.09 -2.98 23.64
C LYS A 199 -5.20 -2.05 24.49
N MET A 200 -4.99 -0.82 24.03
CA MET A 200 -4.42 0.24 24.87
C MET A 200 -5.34 0.67 26.05
N GLN A 201 -6.64 0.83 25.73
CA GLN A 201 -7.58 1.17 26.77
C GLN A 201 -7.59 0.06 27.85
N GLU A 202 -7.64 -1.20 27.43
CA GLU A 202 -7.61 -2.24 28.42
C GLU A 202 -6.36 -2.17 29.27
N LEU A 203 -5.26 -1.68 28.69
CA LEU A 203 -3.95 -1.60 29.36
C LEU A 203 -3.90 -0.48 30.37
N ALA A 204 -4.44 0.69 30.03
CA ALA A 204 -4.63 1.76 31.00
C ALA A 204 -5.42 1.29 32.22
N GLN A 205 -6.53 0.60 31.98
CA GLN A 205 -7.46 0.23 33.04
C GLN A 205 -6.92 -0.83 33.99
N VAL A 206 -5.95 -1.64 33.57
CA VAL A 206 -5.27 -2.51 34.55
C VAL A 206 -3.90 -1.98 35.00
N SER A 207 -3.50 -0.81 34.53
CA SER A 207 -2.24 -0.21 34.96
C SER A 207 -2.44 0.86 36.04
N GLN A 208 -3.65 0.92 36.61
CA GLN A 208 -3.98 1.93 37.62
C GLN A 208 -2.99 1.84 38.78
N LYS A 209 -2.67 0.64 39.22
CA LYS A 209 -1.71 0.46 40.32
C LYS A 209 -0.28 0.84 39.90
N LEU A 210 -0.13 1.41 38.71
CA LEU A 210 1.19 1.86 38.22
C LEU A 210 1.23 3.36 37.99
N VAL B 1 22.41 -29.85 -1.79
CA VAL B 1 23.07 -28.47 -1.79
C VAL B 1 22.70 -27.68 -0.50
N LEU B 2 23.56 -26.76 -0.08
CA LEU B 2 23.25 -25.96 1.10
C LEU B 2 22.95 -24.54 0.69
N LEU B 3 22.88 -24.28 -0.60
CA LEU B 3 22.65 -22.96 -1.09
C LEU B 3 21.80 -23.14 -2.33
N LEU B 4 20.65 -22.47 -2.33
CA LEU B 4 19.78 -22.44 -3.48
C LEU B 4 19.57 -20.96 -3.75
N ASP B 5 19.67 -20.53 -5.00
CA ASP B 5 19.40 -19.10 -5.41
C ASP B 5 17.90 -19.07 -5.75
N VAL B 6 17.12 -18.27 -5.03
CA VAL B 6 15.68 -18.35 -5.08
C VAL B 6 15.14 -16.96 -5.14
N THR B 7 13.87 -16.86 -5.46
CA THR B 7 13.22 -15.57 -5.33
C THR B 7 12.61 -15.60 -3.94
N PRO B 8 13.02 -14.65 -3.07
CA PRO B 8 12.70 -14.71 -1.61
C PRO B 8 11.26 -14.50 -1.22
N LEU B 9 10.47 -13.83 -2.08
CA LEU B 9 9.08 -13.47 -1.79
C LEU B 9 8.21 -13.87 -2.97
N SER B 10 6.95 -14.17 -2.71
CA SER B 10 5.97 -14.42 -3.76
C SER B 10 5.82 -13.23 -4.71
N LEU B 11 5.44 -13.56 -5.93
CA LEU B 11 5.35 -12.55 -7.01
C LEU B 11 4.05 -12.77 -7.73
N GLY B 12 3.29 -11.70 -8.00
CA GLY B 12 2.01 -11.93 -8.67
C GLY B 12 1.43 -10.61 -9.10
N ILE B 13 0.12 -10.60 -9.28
CA ILE B 13 -0.50 -9.39 -9.74
C ILE B 13 -1.74 -9.08 -8.91
N GLU B 14 -2.17 -7.84 -9.00
CA GLU B 14 -3.35 -7.42 -8.33
C GLU B 14 -4.58 -7.87 -9.09
N THR B 15 -5.56 -8.46 -8.38
CA THR B 15 -6.80 -8.84 -9.01
C THR B 15 -7.98 -8.10 -8.36
N MET B 16 -9.12 -8.12 -9.04
CA MET B 16 -10.26 -7.28 -8.70
C MET B 16 -10.54 -7.29 -7.19
N GLY B 17 -10.85 -6.11 -6.67
CA GLY B 17 -11.13 -6.01 -5.25
C GLY B 17 -9.89 -5.82 -4.37
N GLY B 18 -8.71 -5.75 -4.97
CA GLY B 18 -7.50 -5.36 -4.18
C GLY B 18 -6.80 -6.57 -3.60
N VAL B 19 -6.85 -7.67 -4.33
CA VAL B 19 -6.31 -8.97 -3.91
C VAL B 19 -5.02 -9.19 -4.69
N MET B 20 -3.98 -9.71 -4.05
CA MET B 20 -2.83 -10.18 -4.87
C MET B 20 -3.08 -11.63 -5.18
N THR B 21 -2.88 -11.98 -6.45
CA THR B 21 -2.82 -13.33 -6.92
C THR B 21 -1.39 -13.69 -7.24
N THR B 22 -0.91 -14.82 -6.71
CA THR B 22 0.43 -15.34 -6.92
C THR B 22 0.68 -16.09 -8.24
N LEU B 23 1.73 -15.69 -8.98
CA LEU B 23 2.22 -16.49 -10.12
C LEU B 23 3.42 -17.35 -9.72
N ILE B 24 4.32 -16.80 -8.90
CA ILE B 24 5.52 -17.49 -8.49
C ILE B 24 5.59 -17.42 -6.97
N ALA B 25 5.52 -18.59 -6.33
CA ALA B 25 5.62 -18.80 -4.87
C ALA B 25 7.00 -18.39 -4.33
N LYS B 26 7.06 -17.97 -3.05
CA LYS B 26 8.32 -17.52 -2.42
C LYS B 26 9.23 -18.72 -2.38
N ASN B 27 10.55 -18.50 -2.41
CA ASN B 27 11.48 -19.60 -2.39
C ASN B 27 11.44 -20.55 -3.60
N THR B 28 10.86 -20.12 -4.70
CA THR B 28 11.04 -20.84 -5.92
C THR B 28 12.44 -20.61 -6.50
N THR B 29 13.11 -21.71 -6.91
CA THR B 29 14.46 -21.60 -7.45
C THR B 29 14.51 -20.91 -8.78
N ILE B 30 15.57 -20.18 -9.09
CA ILE B 30 15.64 -19.66 -10.41
C ILE B 30 16.50 -20.55 -11.32
N PRO B 31 16.25 -20.52 -12.66
CA PRO B 31 15.29 -19.64 -13.28
C PRO B 31 13.93 -20.34 -13.22
N THR B 32 12.89 -19.59 -13.55
CA THR B 32 11.55 -20.17 -13.47
C THR B 32 10.57 -19.40 -14.36
N LYS B 33 9.49 -20.04 -14.80
CA LYS B 33 8.42 -19.26 -15.40
C LYS B 33 7.11 -19.91 -15.05
N HIS B 34 6.08 -19.13 -14.87
CA HIS B 34 4.76 -19.66 -14.79
C HIS B 34 3.83 -18.68 -15.50
N SER B 35 2.70 -19.21 -15.95
CA SER B 35 1.68 -18.44 -16.61
C SER B 35 0.33 -18.78 -16.02
N GLN B 36 -0.59 -17.82 -16.06
CA GLN B 36 -1.96 -18.04 -15.62
C GLN B 36 -2.93 -17.19 -16.42
N VAL B 37 -4.13 -17.73 -16.63
CA VAL B 37 -5.18 -17.01 -17.38
C VAL B 37 -6.06 -16.16 -16.49
N PHE B 38 -6.20 -14.88 -16.87
CA PHE B 38 -7.09 -13.92 -16.18
C PHE B 38 -8.11 -13.34 -17.15
N SER B 39 -9.08 -12.62 -16.61
CA SER B 39 -10.15 -12.04 -17.44
C SER B 39 -10.44 -10.63 -17.00
N THR B 40 -11.53 -10.07 -17.51
CA THR B 40 -11.92 -8.68 -17.19
C THR B 40 -12.92 -8.71 -16.00
N ALA B 41 -13.00 -7.58 -15.30
CA ALA B 41 -13.74 -7.47 -14.07
C ALA B 41 -15.14 -7.03 -14.32
N GLU B 42 -15.38 -6.31 -15.43
CA GLU B 42 -16.71 -5.78 -15.78
C GLU B 42 -17.00 -5.99 -17.25
N ASP B 43 -18.27 -6.08 -17.59
CA ASP B 43 -18.76 -6.14 -18.98
C ASP B 43 -18.12 -5.11 -19.86
N ASN B 44 -17.62 -5.51 -21.05
CA ASN B 44 -17.14 -4.52 -22.03
C ASN B 44 -15.85 -3.76 -21.64
N GLN B 45 -15.22 -4.19 -20.55
CA GLN B 45 -13.93 -3.69 -20.17
C GLN B 45 -13.00 -3.73 -21.38
N SER B 46 -12.48 -2.58 -21.78
CA SER B 46 -11.62 -2.50 -22.97
C SER B 46 -10.12 -2.64 -22.69
N ALA B 47 -9.73 -2.63 -21.42
CA ALA B 47 -8.32 -2.64 -21.03
C ALA B 47 -8.12 -3.20 -19.62
N VAL B 48 -6.99 -3.83 -19.39
CA VAL B 48 -6.63 -4.21 -18.04
C VAL B 48 -5.34 -3.58 -17.58
N THR B 49 -5.19 -3.38 -16.26
CA THR B 49 -3.92 -3.00 -15.72
C THR B 49 -3.28 -4.24 -15.09
N ILE B 50 -2.00 -4.43 -15.32
CA ILE B 50 -1.23 -5.47 -14.65
C ILE B 50 -0.33 -4.76 -13.61
N HIS B 51 -0.73 -4.77 -12.34
CA HIS B 51 0.07 -4.18 -11.26
CA HIS B 51 0.05 -4.16 -11.25
C HIS B 51 0.78 -5.34 -10.72
N VAL B 52 2.10 -5.32 -10.88
CA VAL B 52 2.95 -6.41 -10.50
C VAL B 52 3.44 -6.26 -9.04
N LEU B 53 3.40 -7.33 -8.24
CA LEU B 53 3.50 -7.24 -6.79
C LEU B 53 4.44 -8.26 -6.23
N GLN B 54 5.18 -7.90 -5.18
CA GLN B 54 6.01 -8.82 -4.48
C GLN B 54 5.58 -8.86 -3.03
N GLY B 55 5.34 -10.04 -2.48
CA GLY B 55 4.89 -10.09 -1.06
C GLY B 55 4.04 -11.28 -0.70
N GLU B 56 3.75 -11.45 0.58
CA GLU B 56 2.96 -12.63 1.00
C GLU B 56 1.54 -12.22 1.51
N ARG B 57 1.20 -10.94 1.40
CA ARG B 57 -0.11 -10.49 1.84
C ARG B 57 -1.19 -10.73 0.80
N LYS B 58 -2.31 -11.28 1.25
CA LYS B 58 -3.51 -11.31 0.40
C LYS B 58 -3.99 -9.94 -0.04
N ARG B 59 -3.74 -8.90 0.76
CA ARG B 59 -4.14 -7.55 0.48
C ARG B 59 -3.08 -6.95 -0.41
N ALA B 60 -3.41 -6.69 -1.67
CA ALA B 60 -2.43 -6.17 -2.61
C ALA B 60 -1.78 -4.92 -2.04
N ALA B 61 -2.48 -4.21 -1.19
CA ALA B 61 -2.04 -2.86 -0.88
C ALA B 61 -0.84 -2.98 0.05
N ASP B 62 -0.75 -4.11 0.76
CA ASP B 62 0.37 -4.32 1.68
C ASP B 62 1.57 -5.02 1.06
N ASN B 63 1.49 -5.38 -0.22
CA ASN B 63 2.68 -5.94 -0.82
C ASN B 63 3.49 -4.88 -1.57
N LYS B 64 4.73 -5.22 -1.95
CA LYS B 64 5.59 -4.26 -2.63
C LYS B 64 5.30 -4.26 -4.12
N SER B 65 4.91 -3.10 -4.61
CA SER B 65 4.65 -2.87 -6.00
C SER B 65 5.96 -2.70 -6.81
N LEU B 66 6.05 -3.43 -7.92
CA LEU B 66 7.30 -3.56 -8.71
C LEU B 66 7.22 -2.83 -10.04
N GLY B 67 5.99 -2.57 -10.52
CA GLY B 67 5.78 -1.95 -11.80
C GLY B 67 4.37 -2.26 -12.27
N GLN B 68 3.97 -1.67 -13.39
CA GLN B 68 2.64 -1.89 -13.93
C GLN B 68 2.55 -1.52 -15.36
N PHE B 69 1.74 -2.25 -16.11
CA PHE B 69 1.52 -1.78 -17.44
C PHE B 69 0.06 -2.06 -17.81
N ASN B 70 -0.45 -1.39 -18.83
CA ASN B 70 -1.83 -1.56 -19.33
C ASN B 70 -1.85 -2.42 -20.59
N LEU B 71 -2.83 -3.31 -20.73
CA LEU B 71 -3.08 -3.99 -22.01
C LEU B 71 -4.42 -3.53 -22.61
N ASP B 72 -4.37 -2.81 -23.73
CA ASP B 72 -5.57 -2.21 -24.34
C ASP B 72 -6.20 -3.08 -25.43
N GLY B 73 -7.39 -2.69 -25.89
CA GLY B 73 -8.00 -3.28 -27.10
C GLY B 73 -8.79 -4.57 -26.82
N ILE B 74 -9.22 -4.78 -25.59
CA ILE B 74 -10.04 -5.91 -25.34
C ILE B 74 -11.39 -5.68 -26.04
N ASN B 75 -11.75 -6.58 -26.95
CA ASN B 75 -13.05 -6.45 -27.66
C ASN B 75 -14.22 -6.55 -26.66
N PRO B 76 -15.35 -5.90 -26.95
CA PRO B 76 -16.52 -6.03 -26.10
C PRO B 76 -16.81 -7.49 -25.85
N ALA B 77 -17.08 -7.85 -24.58
CA ALA B 77 -17.52 -9.16 -24.13
C ALA B 77 -18.18 -9.09 -22.74
N PRO B 78 -19.02 -10.07 -22.41
CA PRO B 78 -19.27 -10.15 -20.96
C PRO B 78 -17.99 -10.33 -20.13
N ARG B 79 -18.01 -9.83 -18.91
CA ARG B 79 -16.88 -10.01 -18.01
C ARG B 79 -16.73 -11.51 -17.73
N GLY B 80 -15.48 -11.92 -17.58
CA GLY B 80 -15.15 -13.30 -17.35
C GLY B 80 -14.79 -14.05 -18.61
N MET B 81 -15.18 -13.53 -19.75
N MET B 81 -15.26 -13.55 -19.74
CA MET B 81 -14.98 -14.28 -20.99
CA MET B 81 -15.00 -14.17 -21.06
C MET B 81 -13.66 -13.99 -21.81
C MET B 81 -13.57 -13.99 -21.58
N PRO B 82 -13.12 -12.74 -21.81
CA PRO B 82 -11.78 -12.62 -22.38
C PRO B 82 -10.74 -13.50 -21.66
N GLN B 83 -9.79 -14.07 -22.40
CA GLN B 83 -8.68 -14.80 -21.82
C GLN B 83 -7.42 -13.95 -21.94
N ILE B 84 -6.98 -13.35 -20.84
CA ILE B 84 -5.76 -12.57 -20.81
C ILE B 84 -4.74 -13.43 -20.08
N GLU B 85 -3.77 -13.91 -20.86
CA GLU B 85 -2.76 -14.81 -20.40
C GLU B 85 -1.60 -14.00 -19.83
N VAL B 86 -1.28 -14.23 -18.54
CA VAL B 86 -0.19 -13.45 -17.90
C VAL B 86 0.97 -14.38 -17.64
N THR B 87 2.18 -13.95 -17.99
CA THR B 87 3.31 -14.84 -17.88
C THR B 87 4.38 -14.11 -17.10
N PHE B 88 4.99 -14.83 -16.14
CA PHE B 88 6.11 -14.33 -15.33
C PHE B 88 7.29 -15.20 -15.57
N ASP B 89 8.40 -14.60 -15.96
CA ASP B 89 9.57 -15.39 -16.28
C ASP B 89 10.73 -14.71 -15.57
N ILE B 90 11.45 -15.46 -14.72
CA ILE B 90 12.66 -14.93 -14.11
C ILE B 90 13.84 -15.63 -14.69
N ASP B 91 14.67 -14.86 -15.40
CA ASP B 91 15.85 -15.47 -15.95
C ASP B 91 16.90 -15.65 -14.88
N ALA B 92 17.94 -16.37 -15.20
CA ALA B 92 19.12 -16.61 -14.36
C ALA B 92 19.87 -15.34 -13.88
N ASP B 93 19.63 -14.22 -14.52
CA ASP B 93 20.18 -12.95 -14.03
C ASP B 93 19.37 -12.35 -12.87
N GLY B 94 18.17 -12.91 -12.58
CA GLY B 94 17.25 -12.29 -11.60
C GLY B 94 16.22 -11.29 -12.15
N ILE B 95 16.28 -11.09 -13.47
CA ILE B 95 15.43 -10.15 -14.18
C ILE B 95 14.08 -10.82 -14.38
N LEU B 96 13.03 -10.06 -14.04
CA LEU B 96 11.68 -10.48 -14.17
C LEU B 96 11.00 -9.95 -15.42
N HIS B 97 10.50 -10.91 -16.23
CA HIS B 97 9.76 -10.53 -17.46
C HIS B 97 8.27 -10.81 -17.32
N VAL B 98 7.43 -9.80 -17.42
CA VAL B 98 5.97 -10.05 -17.31
C VAL B 98 5.33 -9.65 -18.63
N SER B 99 4.47 -10.48 -19.17
CA SER B 99 3.77 -10.05 -20.39
C SER B 99 2.37 -10.43 -20.18
N ALA B 100 1.45 -9.77 -20.87
CA ALA B 100 -0.03 -10.12 -20.83
C ALA B 100 -0.45 -10.20 -22.27
N LYS B 101 -1.28 -11.19 -22.62
CA LYS B 101 -1.64 -11.44 -23.98
C LYS B 101 -3.12 -11.83 -24.03
N ASP B 102 -3.86 -11.12 -24.89
CA ASP B 102 -5.26 -11.34 -25.09
C ASP B 102 -5.38 -12.36 -26.23
N LYS B 103 -5.91 -13.53 -25.94
CA LYS B 103 -6.06 -14.56 -26.97
C LYS B 103 -6.97 -14.14 -28.15
N ASN B 104 -8.02 -13.40 -27.89
CA ASN B 104 -8.93 -13.03 -28.95
C ASN B 104 -8.31 -11.98 -29.89
N SER B 105 -7.86 -10.87 -29.31
CA SER B 105 -7.37 -9.75 -30.12
C SER B 105 -5.98 -9.97 -30.74
N GLY B 106 -5.16 -10.78 -30.09
CA GLY B 106 -3.72 -10.87 -30.48
C GLY B 106 -2.81 -9.83 -29.81
N LYS B 107 -3.35 -8.93 -29.00
CA LYS B 107 -2.54 -7.82 -28.51
C LYS B 107 -1.78 -8.27 -27.29
N GLU B 108 -0.58 -7.76 -27.13
CA GLU B 108 0.32 -8.16 -26.07
C GLU B 108 1.11 -6.94 -25.60
N GLN B 109 1.31 -6.84 -24.29
CA GLN B 109 2.21 -5.87 -23.69
C GLN B 109 3.08 -6.59 -22.66
N LYS B 110 4.24 -6.01 -22.41
CA LYS B 110 5.19 -6.62 -21.53
C LYS B 110 6.04 -5.58 -20.80
N ILE B 111 6.51 -5.92 -19.61
CA ILE B 111 7.55 -5.13 -18.98
C ILE B 111 8.74 -6.02 -18.53
N THR B 112 9.91 -5.37 -18.40
CA THR B 112 11.10 -5.84 -17.73
C THR B 112 11.33 -5.14 -16.41
N ILE B 113 11.62 -5.94 -15.39
CA ILE B 113 11.78 -5.47 -14.00
C ILE B 113 13.16 -5.96 -13.52
N LYS B 114 14.10 -5.02 -13.22
CA LYS B 114 15.46 -5.38 -12.90
C LYS B 114 15.58 -6.10 -11.56
N ALA B 115 16.57 -6.98 -11.48
CA ALA B 115 16.90 -7.87 -10.36
C ALA B 115 16.88 -7.24 -8.96
N SER B 116 17.36 -6.01 -8.86
CA SER B 116 17.46 -5.26 -7.61
C SER B 116 16.15 -4.57 -7.14
N SER B 117 15.06 -4.68 -7.91
CA SER B 117 13.80 -4.09 -7.49
C SER B 117 13.24 -4.75 -6.24
N GLY B 118 12.21 -4.13 -5.67
CA GLY B 118 11.42 -4.74 -4.60
C GLY B 118 12.08 -4.56 -3.24
N LEU B 119 11.76 -5.47 -2.34
CA LEU B 119 12.19 -5.36 -0.95
C LEU B 119 13.60 -5.88 -0.72
N ASN B 120 14.25 -5.25 0.24
CA ASN B 120 15.56 -5.64 0.66
C ASN B 120 15.50 -6.74 1.71
N GLU B 121 16.66 -7.33 2.01
CA GLU B 121 16.76 -8.41 2.99
C GLU B 121 16.04 -8.20 4.35
N ASP B 122 16.18 -6.99 4.92
CA ASP B 122 15.48 -6.67 6.17
CA ASP B 122 15.49 -6.61 6.17
C ASP B 122 13.98 -6.66 5.94
N GLU B 123 13.56 -6.07 4.82
CA GLU B 123 12.13 -6.00 4.50
C GLU B 123 11.55 -7.35 4.14
N ILE B 124 12.41 -8.26 3.66
CA ILE B 124 11.90 -9.61 3.38
C ILE B 124 11.47 -10.35 4.66
N GLN B 125 12.36 -10.37 5.65
CA GLN B 125 12.10 -10.99 6.96
CA GLN B 125 11.99 -11.06 6.88
C GLN B 125 10.87 -10.32 7.66
N LYS B 126 10.78 -8.98 7.58
CA LYS B 126 9.54 -8.27 8.00
C LYS B 126 8.23 -8.77 7.30
N MET B 127 8.27 -8.86 5.97
CA MET B 127 7.13 -9.27 5.17
C MET B 127 6.61 -10.65 5.58
N VAL B 128 7.51 -11.63 5.67
CA VAL B 128 7.08 -12.98 6.08
C VAL B 128 6.42 -12.99 7.47
N ARG B 129 7.05 -12.35 8.46
CA ARG B 129 6.52 -12.30 9.83
C ARG B 129 5.14 -11.66 9.87
N ASP B 130 4.97 -10.57 9.14
CA ASP B 130 3.72 -9.83 9.02
C ASP B 130 2.62 -10.66 8.34
N ALA B 131 2.95 -11.51 7.37
CA ALA B 131 1.92 -12.36 6.77
C ALA B 131 1.50 -13.49 7.73
N GLU B 132 2.47 -14.05 8.44
CA GLU B 132 2.24 -15.03 9.50
C GLU B 132 1.26 -14.45 10.52
N ALA B 133 1.51 -13.20 10.92
CA ALA B 133 0.71 -12.58 11.98
C ALA B 133 -0.70 -12.17 11.49
N ASN B 134 -0.85 -12.05 10.19
CA ASN B 134 -2.12 -11.66 9.63
C ASN B 134 -2.79 -12.76 8.81
N ALA B 135 -2.29 -13.99 8.93
CA ALA B 135 -2.89 -15.14 8.24
C ALA B 135 -4.44 -15.12 8.29
N GLU B 136 -4.99 -15.12 9.50
CA GLU B 136 -6.44 -15.27 9.65
CA GLU B 136 -6.45 -15.21 9.77
C GLU B 136 -7.21 -14.06 9.13
N ALA B 137 -6.74 -12.84 9.43
CA ALA B 137 -7.35 -11.60 8.93
C ALA B 137 -7.36 -11.57 7.40
N ASP B 138 -6.28 -12.05 6.78
CA ASP B 138 -6.18 -12.10 5.32
C ASP B 138 -7.21 -13.09 4.68
N ARG B 139 -7.35 -14.29 5.28
CA ARG B 139 -8.52 -15.20 5.04
CA ARG B 139 -8.49 -15.18 5.01
C ARG B 139 -9.84 -14.42 5.08
N LYS B 140 -10.06 -13.63 6.13
CA LYS B 140 -11.30 -12.85 6.22
C LYS B 140 -11.37 -11.76 5.18
N PHE B 141 -10.23 -11.17 4.80
CA PHE B 141 -10.26 -10.17 3.76
C PHE B 141 -10.68 -10.81 2.44
N GLU B 142 -10.19 -12.00 2.16
CA GLU B 142 -10.54 -12.68 0.90
C GLU B 142 -12.03 -12.97 0.73
N GLU B 143 -12.69 -13.31 1.86
CA GLU B 143 -14.10 -13.61 1.85
C GLU B 143 -14.84 -12.30 1.70
N LEU B 144 -14.40 -11.27 2.40
CA LEU B 144 -14.97 -9.94 2.18
C LEU B 144 -14.84 -9.57 0.73
N VAL B 145 -13.67 -9.73 0.12
CA VAL B 145 -13.53 -9.34 -1.29
C VAL B 145 -14.43 -10.15 -2.24
N GLN B 146 -14.69 -11.43 -1.97
CA GLN B 146 -15.66 -12.09 -2.84
C GLN B 146 -17.04 -11.42 -2.82
N THR B 147 -17.49 -11.04 -1.62
CA THR B 147 -18.77 -10.37 -1.45
C THR B 147 -18.77 -9.00 -2.10
N ARG B 148 -17.75 -8.17 -1.85
CA ARG B 148 -17.68 -6.85 -2.54
C ARG B 148 -17.66 -6.89 -4.07
N ASN B 149 -17.02 -7.92 -4.66
CA ASN B 149 -17.00 -8.11 -6.11
C ASN B 149 -18.39 -8.38 -6.68
N GLN B 150 -19.10 -9.28 -6.03
CA GLN B 150 -20.54 -9.43 -6.27
C GLN B 150 -21.29 -8.09 -6.31
N GLY B 151 -21.06 -7.25 -5.29
CA GLY B 151 -21.78 -5.95 -5.11
C GLY B 151 -21.44 -5.01 -6.26
N ASP B 152 -20.16 -4.87 -6.55
CA ASP B 152 -19.70 -4.17 -7.76
C ASP B 152 -20.40 -4.67 -9.03
N HIS B 153 -20.56 -5.98 -9.16
CA HIS B 153 -21.16 -6.52 -10.36
C HIS B 153 -22.63 -6.20 -10.47
N LEU B 154 -23.33 -6.07 -9.36
CA LEU B 154 -24.75 -5.69 -9.43
C LEU B 154 -24.88 -4.16 -9.67
N LEU B 155 -24.07 -3.40 -8.95
CA LEU B 155 -23.93 -1.97 -9.13
C LEU B 155 -23.76 -1.66 -10.64
N HIS B 156 -22.74 -2.25 -11.25
CA HIS B 156 -22.48 -2.06 -12.67
C HIS B 156 -23.62 -2.58 -13.54
N SER B 157 -24.13 -3.77 -13.20
CA SER B 157 -25.18 -4.45 -13.99
C SER B 157 -26.47 -3.61 -14.08
N THR B 158 -26.92 -3.16 -12.91
CA THR B 158 -28.14 -2.38 -12.72
C THR B 158 -28.06 -1.00 -13.40
N ARG B 159 -26.89 -0.36 -13.28
CA ARG B 159 -26.68 0.96 -13.88
C ARG B 159 -26.67 0.89 -15.42
N LYS B 160 -26.30 -0.27 -15.95
CA LYS B 160 -26.30 -0.57 -17.39
C LYS B 160 -27.74 -0.78 -17.87
N GLN B 161 -28.56 -1.44 -17.04
CA GLN B 161 -29.98 -1.58 -17.37
C GLN B 161 -30.74 -0.25 -17.23
N VAL B 162 -30.32 0.56 -16.24
CA VAL B 162 -30.69 1.98 -16.11
C VAL B 162 -30.76 2.71 -17.48
N GLU B 163 -29.66 2.76 -18.24
CA GLU B 163 -29.67 3.32 -19.60
C GLU B 163 -30.71 2.65 -20.50
N GLU B 164 -30.50 1.36 -20.77
CA GLU B 164 -31.35 0.57 -21.68
C GLU B 164 -32.86 0.83 -21.57
N LYS B 168 -37.84 4.90 -20.24
CA LYS B 168 -38.96 3.97 -20.42
C LYS B 168 -39.27 3.14 -19.15
N LEU B 169 -38.68 3.56 -18.02
CA LEU B 169 -38.90 2.94 -16.70
C LEU B 169 -39.59 3.94 -15.77
N PRO B 170 -40.77 3.56 -15.19
CA PRO B 170 -41.50 4.45 -14.24
C PRO B 170 -40.55 5.16 -13.24
N ALA B 171 -40.61 6.49 -13.21
CA ALA B 171 -39.61 7.29 -12.49
C ALA B 171 -39.68 7.15 -10.96
N ASP B 172 -40.81 6.65 -10.46
CA ASP B 172 -40.89 6.22 -9.06
C ASP B 172 -39.96 5.01 -8.84
N ASP B 173 -39.88 4.12 -9.82
CA ASP B 173 -38.92 3.01 -9.72
C ASP B 173 -37.47 3.50 -9.94
N LYS B 174 -37.27 4.41 -10.91
CA LYS B 174 -35.96 5.01 -11.19
C LYS B 174 -35.39 5.81 -10.00
N THR B 175 -36.28 6.29 -9.13
CA THR B 175 -35.85 6.99 -7.91
C THR B 175 -35.39 5.99 -6.81
N ALA B 176 -36.25 5.04 -6.47
CA ALA B 176 -35.94 4.03 -5.48
C ALA B 176 -34.61 3.29 -5.83
N ILE B 177 -34.37 3.12 -7.13
CA ILE B 177 -33.13 2.51 -7.68
C ILE B 177 -31.91 3.42 -7.62
N GLU B 178 -32.08 4.72 -7.81
CA GLU B 178 -30.93 5.61 -7.59
C GLU B 178 -30.50 5.60 -6.12
N SER B 179 -31.48 5.65 -5.21
CA SER B 179 -31.18 5.68 -3.80
C SER B 179 -30.51 4.36 -3.39
N ALA B 180 -31.17 3.24 -3.69
CA ALA B 180 -30.61 1.91 -3.44
C ALA B 180 -29.23 1.68 -4.08
N LEU B 181 -28.92 2.37 -5.19
CA LEU B 181 -27.58 2.26 -5.77
C LEU B 181 -26.55 2.96 -4.92
N THR B 182 -26.95 4.11 -4.36
CA THR B 182 -26.04 4.92 -3.56
C THR B 182 -25.68 4.18 -2.31
N ALA B 183 -26.72 3.59 -1.72
CA ALA B 183 -26.64 2.85 -0.46
C ALA B 183 -25.67 1.70 -0.61
N LEU B 184 -25.76 0.98 -1.72
CA LEU B 184 -24.85 -0.17 -1.92
C LEU B 184 -23.42 0.32 -2.05
N GLU B 185 -23.23 1.46 -2.74
CA GLU B 185 -21.89 2.05 -2.95
C GLU B 185 -21.14 2.30 -1.64
N THR B 186 -21.83 2.95 -0.71
CA THR B 186 -21.34 3.23 0.64
C THR B 186 -21.08 1.93 1.41
N ALA B 187 -22.05 1.01 1.36
CA ALA B 187 -21.87 -0.27 2.01
C ALA B 187 -20.56 -0.94 1.56
N LEU B 188 -20.32 -0.92 0.24
CA LEU B 188 -19.13 -1.58 -0.33
C LEU B 188 -17.79 -1.13 0.21
N LYS B 189 -17.69 0.10 0.71
CA LYS B 189 -16.40 0.61 1.22
C LYS B 189 -16.17 0.08 2.63
N GLY B 190 -17.24 -0.20 3.36
CA GLY B 190 -17.17 -0.78 4.71
C GLY B 190 -16.62 -2.19 4.63
N GLU B 191 -16.31 -2.78 5.80
CA GLU B 191 -15.75 -4.14 5.80
CA GLU B 191 -15.73 -4.10 5.94
C GLU B 191 -16.78 -5.16 6.38
N ASP B 192 -18.07 -4.83 6.30
CA ASP B 192 -19.09 -5.77 6.79
C ASP B 192 -19.74 -6.57 5.65
N LYS B 193 -19.57 -7.88 5.63
CA LYS B 193 -20.08 -8.76 4.58
C LYS B 193 -21.62 -8.70 4.48
N ALA B 194 -22.29 -9.12 5.54
CA ALA B 194 -23.74 -8.98 5.72
C ALA B 194 -24.34 -7.70 5.21
N ALA B 195 -23.72 -6.58 5.54
CA ALA B 195 -24.30 -5.28 5.21
C ALA B 195 -24.28 -5.05 3.72
N ILE B 196 -23.23 -5.54 3.07
CA ILE B 196 -23.16 -5.47 1.64
C ILE B 196 -24.29 -6.33 1.03
N GLU B 197 -24.31 -7.62 1.37
CA GLU B 197 -25.38 -8.48 0.91
C GLU B 197 -26.75 -7.80 1.13
N ALA B 198 -26.90 -7.04 2.21
CA ALA B 198 -28.18 -6.43 2.52
C ALA B 198 -28.51 -5.24 1.62
N LYS B 199 -27.49 -4.55 1.18
CA LYS B 199 -27.75 -3.40 0.35
C LYS B 199 -27.99 -3.87 -1.04
N MET B 200 -27.45 -5.05 -1.37
CA MET B 200 -27.72 -5.62 -2.67
C MET B 200 -29.20 -5.98 -2.70
N GLN B 201 -29.65 -6.53 -1.58
CA GLN B 201 -31.02 -6.89 -1.36
C GLN B 201 -32.06 -5.77 -1.56
N GLU B 202 -31.89 -4.66 -0.86
CA GLU B 202 -32.76 -3.50 -1.02
C GLU B 202 -32.81 -3.06 -2.49
N LEU B 203 -31.73 -3.31 -3.23
CA LEU B 203 -31.69 -2.86 -4.62
C LEU B 203 -32.49 -3.85 -5.46
N ALA B 204 -32.37 -5.14 -5.20
CA ALA B 204 -33.20 -6.13 -5.90
C ALA B 204 -34.73 -5.91 -5.78
N GLN B 205 -35.21 -5.71 -4.53
CA GLN B 205 -36.61 -5.34 -4.21
C GLN B 205 -37.17 -4.16 -5.02
N VAL B 206 -36.32 -3.17 -5.30
CA VAL B 206 -36.73 -1.97 -6.10
C VAL B 206 -36.48 -2.06 -7.63
N SER B 207 -36.02 -3.22 -8.08
CA SER B 207 -35.59 -3.38 -9.47
C SER B 207 -36.52 -4.27 -10.28
N GLN B 208 -37.65 -4.70 -9.71
CA GLN B 208 -38.48 -5.73 -10.35
C GLN B 208 -39.00 -5.30 -11.74
N LYS B 209 -39.33 -4.01 -11.87
CA LYS B 209 -39.87 -3.43 -13.11
C LYS B 209 -38.73 -3.22 -14.10
N LEU B 210 -37.53 -3.05 -13.57
CA LEU B 210 -36.35 -2.94 -14.41
C LEU B 210 -36.03 -4.29 -15.03
N MET B 211 -35.97 -5.34 -14.18
CA MET B 211 -35.78 -6.73 -14.63
C MET B 211 -36.83 -7.21 -15.66
N GLU B 212 -38.10 -6.78 -15.51
CA GLU B 212 -39.19 -7.06 -16.47
C GLU B 212 -38.97 -6.45 -17.86
N ILE B 213 -38.49 -5.20 -17.91
CA ILE B 213 -38.15 -4.52 -19.18
C ILE B 213 -37.24 -5.40 -20.08
N ALA B 214 -36.12 -5.89 -19.54
CA ALA B 214 -35.30 -6.88 -20.24
C ALA B 214 -35.61 -8.29 -19.73
N LYS C 3 5.50 18.57 16.76
CA LYS C 3 6.60 17.76 17.38
C LYS C 3 7.29 16.83 16.33
N PRO C 4 8.63 16.74 16.39
CA PRO C 4 9.47 15.90 15.50
C PRO C 4 8.94 14.48 15.22
N PRO C 5 8.84 14.08 13.93
CA PRO C 5 8.57 12.69 13.60
C PRO C 5 9.83 11.81 13.76
N TYR C 6 9.57 10.53 13.73
CA TYR C 6 10.56 9.59 14.13
C TYR C 6 11.17 8.95 12.86
N LEU C 7 12.46 8.73 12.83
CA LEU C 7 13.00 8.02 11.69
C LEU C 7 12.74 6.53 11.88
N PRO C 8 12.95 5.69 10.85
CA PRO C 8 12.71 4.28 11.17
C PRO C 8 13.49 3.95 12.43
N ARG C 9 13.25 2.78 12.99
CA ARG C 9 14.12 2.34 14.05
C ARG C 9 14.90 1.12 13.54
N PRO C 10 15.83 0.55 14.35
CA PRO C 10 16.74 -0.52 13.86
C PRO C 10 16.02 -1.76 13.30
N PRO D 4 -10.80 -18.19 -13.58
CA PRO D 4 -9.91 -17.09 -13.98
C PRO D 4 -10.21 -15.83 -13.16
N PRO D 5 -9.19 -15.32 -12.43
CA PRO D 5 -9.41 -14.07 -11.67
C PRO D 5 -9.54 -12.89 -12.61
N TYR D 6 -10.02 -11.79 -12.09
CA TYR D 6 -10.25 -10.70 -12.93
C TYR D 6 -9.38 -9.51 -12.58
N LEU D 7 -9.17 -8.67 -13.60
CA LEU D 7 -8.22 -7.61 -13.56
C LEU D 7 -8.87 -6.22 -13.63
N PRO D 8 -8.31 -5.23 -12.89
CA PRO D 8 -8.91 -3.92 -12.86
C PRO D 8 -8.67 -3.17 -14.18
N ARG D 9 -9.51 -2.19 -14.48
CA ARG D 9 -9.28 -1.39 -15.69
C ARG D 9 -8.29 -0.31 -15.32
N PRO D 10 -7.54 0.25 -16.30
CA PRO D 10 -6.69 1.38 -15.95
C PRO D 10 -7.53 2.53 -15.42
N ARG D 11 -6.93 3.35 -14.54
CA ARG D 11 -7.64 4.42 -13.85
C ARG D 11 -8.02 5.57 -14.78
N PRO D 12 -9.30 6.02 -14.72
CA PRO D 12 -9.83 7.17 -15.49
C PRO D 12 -8.92 8.39 -15.39
N PRO D 13 -8.94 9.27 -16.42
CA PRO D 13 -8.45 10.64 -16.24
C PRO D 13 -9.23 11.38 -15.16
S SO4 E . 11.88 1.29 -5.59
O1 SO4 E . 11.66 1.14 -4.15
O2 SO4 E . 13.34 1.14 -5.77
O3 SO4 E . 11.50 2.55 -6.22
O4 SO4 E . 11.18 0.16 -6.21
S SO4 F . 20.44 -1.14 -10.96
O1 SO4 F . 21.25 -1.49 -9.79
O2 SO4 F . 20.80 0.14 -11.55
O3 SO4 F . 19.08 -1.03 -10.45
O4 SO4 F . 20.54 -2.22 -11.96
S SO4 G . -10.63 -1.86 3.65
O1 SO4 G . -10.88 -3.31 3.73
O2 SO4 G . -9.91 -1.42 4.86
O3 SO4 G . -11.86 -1.07 3.49
O4 SO4 G . -9.79 -1.63 2.48
S SO4 H . -9.74 -2.75 -7.62
O1 SO4 H . -8.52 -3.55 -7.79
O2 SO4 H . -9.81 -1.73 -8.67
O3 SO4 H . -9.68 -2.07 -6.31
O4 SO4 H . -10.91 -3.63 -7.72
S SO4 I . -0.97 3.57 -21.18
O1 SO4 I . 0.17 3.36 -20.29
O2 SO4 I . -1.99 4.32 -20.43
O3 SO4 I . -1.50 2.31 -21.70
O4 SO4 I . -0.56 4.38 -22.32
S SO4 J . 9.90 1.00 11.72
O1 SO4 J . 10.98 0.11 11.24
O2 SO4 J . 9.51 1.95 10.68
O3 SO4 J . 10.36 1.75 12.90
O4 SO4 J . 8.78 0.12 12.06
#